data_4RA2
#
_entry.id   4RA2
#
_cell.length_a   90.714
_cell.length_b   90.714
_cell.length_c   105.443
_cell.angle_alpha   90.00
_cell.angle_beta   90.00
_cell.angle_gamma   120.00
#
_symmetry.space_group_name_H-M   'P 31 2 1'
#
loop_
_entity.id
_entity.type
_entity.pdbx_description
1 polymer 'Protein phosphatase 1A'
2 non-polymer 'MANGANESE (II) ION'
3 non-polymer 'PHOSPHATE ION'
4 water water
#
_entity_poly.entity_id   1
_entity_poly.type   'polypeptide(L)'
_entity_poly.pdbx_seq_one_letter_code
;GAFLDKPKMEKHNAQGQGNGLRYGLSSMQGWRVEMEDAHTAVIGLPSGLESWSFFAVYDGHAGSQVAKYCCEHLLDHITN
NQDFKGSAGAPSVENVKNGIRTGFLEIDEHMRVMSEKKHGADRSGSTAVGVLISPQHTYFINCGDSRGLLCRNRKVHFFT
QDHKPSNPLEKERIQNAGGSVMIQRVNGSLAVSRALGDFDYKCVHGKGPTEQLVSPEPEVHDIERSEEDDQFIILACDGI
WDVMGNEELCDFVRSRLEVTDDLEKVCNEVVDTCLYKGSRDNMSVILICFPNAPKVSPEAVKKEAELDKYLECRVEEIIK
KQGEGVPDLVHVMRTLASENIPSLPPGGELASKRNVIEAVYNRLNPY
;
_entity_poly.pdbx_strand_id   A
#
loop_
_chem_comp.id
_chem_comp.type
_chem_comp.name
_chem_comp.formula
MN non-polymer 'MANGANESE (II) ION' 'Mn 2'
PO4 non-polymer 'PHOSPHATE ION' 'O4 P -3'
#
# COMPACT_ATOMS: atom_id res chain seq x y z
N GLY A 1 21.98 1.77 11.28
CA GLY A 1 20.71 1.09 11.05
C GLY A 1 20.76 0.33 9.75
N ALA A 2 19.59 0.01 9.20
CA ALA A 2 19.53 -0.69 7.93
C ALA A 2 20.21 0.07 6.80
N PHE A 3 19.62 -0.02 5.62
CA PHE A 3 20.22 0.45 4.39
C PHE A 3 21.35 -0.44 3.88
N LEU A 4 20.99 -1.19 2.85
CA LEU A 4 21.91 -1.87 1.95
C LEU A 4 22.79 -0.84 1.29
N ASP A 5 23.95 -1.29 0.80
CA ASP A 5 24.82 -0.45 -0.02
C ASP A 5 24.13 -0.14 -1.33
N LYS A 6 23.32 -1.07 -1.81
CA LYS A 6 22.53 -0.89 -3.03
C LYS A 6 21.15 -1.53 -2.83
N PRO A 7 20.12 -0.95 -3.43
CA PRO A 7 18.76 -1.47 -3.17
C PRO A 7 18.53 -2.85 -3.79
N LYS A 8 17.73 -3.69 -3.15
CA LYS A 8 17.31 -4.97 -3.74
C LYS A 8 16.10 -4.68 -4.62
N MET A 9 16.29 -4.71 -5.93
CA MET A 9 15.24 -4.34 -6.87
C MET A 9 14.28 -5.48 -7.22
N GLU A 10 14.55 -6.68 -6.72
CA GLU A 10 13.76 -7.84 -7.12
C GLU A 10 12.26 -7.65 -6.81
N LYS A 11 11.41 -7.85 -7.82
CA LYS A 11 9.97 -7.67 -7.63
C LYS A 11 9.32 -9.00 -7.33
N HIS A 12 8.48 -9.04 -6.30
CA HIS A 12 7.64 -10.19 -6.08
C HIS A 12 6.23 -9.84 -6.53
N ASN A 13 5.75 -10.55 -7.55
CA ASN A 13 4.47 -10.21 -8.20
C ASN A 13 3.43 -11.29 -8.02
N ALA A 14 2.16 -10.89 -8.04
CA ALA A 14 1.07 -11.83 -8.20
C ALA A 14 -0.05 -11.15 -8.94
N GLN A 15 -0.95 -11.94 -9.52
CA GLN A 15 -2.10 -11.38 -10.21
C GLN A 15 -3.23 -12.38 -10.18
N GLY A 16 -4.43 -11.92 -10.51
CA GLY A 16 -5.59 -12.80 -10.50
C GLY A 16 -6.82 -12.10 -11.01
N GLN A 17 -7.89 -12.87 -11.21
CA GLN A 17 -9.12 -12.34 -11.75
C GLN A 17 -10.28 -13.19 -11.24
N GLY A 18 -11.46 -12.59 -11.15
CA GLY A 18 -12.65 -13.26 -10.68
C GLY A 18 -13.62 -12.26 -10.06
N ASN A 19 -14.90 -12.61 -10.01
CA ASN A 19 -15.90 -11.73 -9.42
C ASN A 19 -15.95 -10.38 -10.10
N GLY A 20 -15.59 -10.37 -11.38
CA GLY A 20 -15.56 -9.15 -12.17
C GLY A 20 -14.33 -8.30 -11.90
N LEU A 21 -13.45 -8.76 -11.02
CA LEU A 21 -12.23 -8.03 -10.66
C LEU A 21 -11.00 -8.56 -11.38
N ARG A 22 -9.99 -7.70 -11.54
CA ARG A 22 -8.65 -8.13 -11.94
C ARG A 22 -7.70 -7.43 -10.99
N TYR A 23 -6.64 -8.11 -10.56
CA TYR A 23 -5.65 -7.43 -9.73
C TYR A 23 -4.24 -7.79 -10.11
N GLY A 24 -3.32 -6.90 -9.72
CA GLY A 24 -1.90 -7.15 -9.78
C GLY A 24 -1.30 -6.59 -8.50
N LEU A 25 -0.13 -7.07 -8.13
CA LEU A 25 0.56 -6.54 -6.97
C LEU A 25 2.05 -6.67 -7.14
N SER A 26 2.79 -5.86 -6.40
CA SER A 26 4.24 -5.92 -6.43
C SER A 26 4.77 -5.58 -5.04
N SER A 27 5.76 -6.35 -4.58
CA SER A 27 6.49 -5.99 -3.36
C SER A 27 7.98 -5.99 -3.66
N MET A 28 8.69 -5.06 -3.03
CA MET A 28 10.12 -4.91 -3.25
C MET A 28 10.76 -4.43 -1.96
N GLN A 29 11.88 -5.06 -1.61
CA GLN A 29 12.58 -4.73 -0.37
C GLN A 29 13.23 -3.35 -0.47
N GLY A 30 13.77 -3.01 -1.63
CA GLY A 30 14.40 -1.71 -1.83
C GLY A 30 15.67 -1.53 -1.02
N TRP A 31 15.85 -0.35 -0.44
CA TRP A 31 17.08 0.01 0.28
C TRP A 31 17.23 -0.63 1.66
N ARG A 32 16.14 -1.15 2.21
CA ARG A 32 16.14 -1.68 3.56
C ARG A 32 16.85 -3.04 3.64
N VAL A 33 17.45 -3.29 4.80
CA VAL A 33 18.19 -4.53 5.03
C VAL A 33 17.27 -5.75 5.20
N GLU A 34 16.05 -5.52 5.64
CA GLU A 34 15.06 -6.59 5.75
C GLU A 34 13.77 -6.23 5.00
N MET A 35 13.03 -7.24 4.55
CA MET A 35 11.69 -7.01 4.01
C MET A 35 10.66 -7.34 5.09
N GLU A 36 9.91 -6.32 5.53
CA GLU A 36 8.94 -6.50 6.61
C GLU A 36 7.48 -6.22 6.22
N ASP A 37 7.26 -5.93 4.94
CA ASP A 37 5.90 -5.84 4.38
C ASP A 37 5.33 -7.24 4.12
N ALA A 38 4.01 -7.36 4.16
CA ALA A 38 3.30 -8.57 3.71
C ALA A 38 1.97 -8.14 3.06
N HIS A 39 1.24 -9.08 2.47
CA HIS A 39 -0.01 -8.72 1.83
C HIS A 39 -0.95 -9.93 1.72
N THR A 40 -2.22 -9.64 1.50
CA THR A 40 -3.23 -10.67 1.27
C THR A 40 -3.94 -10.30 -0.02
N ALA A 41 -4.21 -11.27 -0.88
CA ALA A 41 -5.02 -11.01 -2.07
C ALA A 41 -5.81 -12.26 -2.36
N VAL A 42 -7.12 -12.21 -2.17
CA VAL A 42 -7.94 -13.38 -2.41
C VAL A 42 -9.27 -13.00 -3.00
N ILE A 43 -9.64 -13.69 -4.09
CA ILE A 43 -10.93 -13.50 -4.72
C ILE A 43 -11.75 -14.75 -4.41
N GLY A 44 -12.91 -14.54 -3.80
CA GLY A 44 -13.74 -15.64 -3.34
C GLY A 44 -13.36 -16.07 -1.94
N LEU A 45 -14.19 -15.71 -0.97
CA LEU A 45 -13.94 -16.06 0.42
C LEU A 45 -14.75 -17.30 0.80
N PRO A 46 -14.25 -18.07 1.78
CA PRO A 46 -14.96 -19.28 2.21
C PRO A 46 -16.27 -18.99 2.94
N SER A 47 -16.99 -20.05 3.30
CA SER A 47 -18.15 -19.94 4.18
C SER A 47 -19.33 -19.16 3.59
N GLY A 48 -19.57 -19.32 2.29
CA GLY A 48 -20.70 -18.67 1.65
C GLY A 48 -20.42 -17.27 1.14
N LEU A 49 -19.15 -16.87 1.14
CA LEU A 49 -18.77 -15.54 0.68
C LEU A 49 -17.97 -15.61 -0.61
N GLU A 50 -18.35 -16.55 -1.47
CA GLU A 50 -17.63 -16.76 -2.73
C GLU A 50 -17.63 -15.51 -3.61
N SER A 51 -18.67 -14.70 -3.47
CA SER A 51 -18.83 -13.48 -4.27
C SER A 51 -18.01 -12.32 -3.72
N TRP A 52 -17.35 -12.56 -2.59
CA TRP A 52 -16.56 -11.55 -1.89
C TRP A 52 -15.10 -11.69 -2.25
N SER A 53 -14.32 -10.62 -2.05
CA SER A 53 -12.87 -10.63 -2.26
C SER A 53 -12.24 -9.82 -1.13
N PHE A 54 -10.96 -10.04 -0.87
CA PHE A 54 -10.26 -9.33 0.19
C PHE A 54 -8.83 -9.04 -0.25
N PHE A 55 -8.39 -7.79 -0.08
CA PHE A 55 -7.03 -7.39 -0.38
C PHE A 55 -6.49 -6.52 0.77
N ALA A 56 -5.23 -6.71 1.14
CA ALA A 56 -4.66 -5.94 2.24
C ALA A 56 -3.14 -5.84 2.12
N VAL A 57 -2.58 -4.73 2.59
CA VAL A 57 -1.14 -4.55 2.69
C VAL A 57 -0.80 -4.35 4.16
N TYR A 58 0.27 -5.02 4.61
CA TYR A 58 0.70 -4.95 6.01
C TYR A 58 2.11 -4.41 6.07
N ASP A 59 2.30 -3.33 6.80
CA ASP A 59 3.64 -2.75 6.92
C ASP A 59 4.19 -3.11 8.30
N GLY A 60 4.99 -4.17 8.37
CA GLY A 60 5.54 -4.65 9.64
C GLY A 60 6.64 -3.73 10.14
N HIS A 61 6.76 -3.57 11.45
CA HIS A 61 7.92 -2.87 12.01
C HIS A 61 8.53 -3.66 13.17
N ALA A 62 9.83 -3.46 13.39
CA ALA A 62 10.59 -4.21 14.39
C ALA A 62 10.43 -5.71 14.20
N GLY A 63 10.40 -6.14 12.93
CA GLY A 63 10.20 -7.54 12.62
C GLY A 63 9.01 -7.78 11.71
N SER A 64 8.94 -8.99 11.16
CA SER A 64 7.92 -9.33 10.18
C SER A 64 6.85 -10.25 10.76
N GLN A 65 7.06 -10.71 12.00
CA GLN A 65 6.17 -11.71 12.60
C GLN A 65 4.70 -11.32 12.61
N VAL A 66 4.39 -10.12 13.09
CA VAL A 66 3.00 -9.68 13.17
C VAL A 66 2.44 -9.53 11.76
N ALA A 67 3.19 -8.88 10.87
CA ALA A 67 2.69 -8.65 9.52
C ALA A 67 2.39 -9.98 8.85
N LYS A 68 3.29 -10.95 9.01
CA LYS A 68 3.13 -12.28 8.42
C LYS A 68 1.96 -13.05 8.99
N TYR A 69 1.75 -12.97 10.30
CA TYR A 69 0.60 -13.65 10.87
C TYR A 69 -0.68 -13.00 10.33
N CYS A 70 -0.70 -11.67 10.27
CA CYS A 70 -1.89 -10.96 9.76
C CYS A 70 -2.22 -11.34 8.31
N CYS A 71 -1.20 -11.39 7.46
CA CYS A 71 -1.46 -11.61 6.05
C CYS A 71 -2.08 -13.00 5.82
N GLU A 72 -1.86 -13.91 6.73
CA GLU A 72 -2.43 -15.26 6.65
C GLU A 72 -3.69 -15.45 7.48
N HIS A 73 -3.98 -14.67 8.44
CA HIS A 73 -5.11 -14.97 9.33
C HIS A 73 -6.03 -13.81 9.67
N LEU A 74 -5.69 -12.60 9.27
CA LEU A 74 -6.57 -11.49 9.60
C LEU A 74 -7.97 -11.75 9.05
N LEU A 75 -8.06 -12.26 7.83
CA LEU A 75 -9.35 -12.43 7.17
C LEU A 75 -10.24 -13.41 7.95
N ASP A 76 -9.71 -14.57 8.30
CA ASP A 76 -10.54 -15.52 9.03
C ASP A 76 -10.90 -15.00 10.42
N HIS A 77 -10.04 -14.22 11.04
CA HIS A 77 -10.39 -13.59 12.31
C HIS A 77 -11.55 -12.62 12.13
N ILE A 78 -11.61 -11.95 10.98
CA ILE A 78 -12.69 -11.01 10.68
C ILE A 78 -14.01 -11.73 10.37
N THR A 79 -13.96 -12.76 9.53
CA THR A 79 -15.17 -13.42 9.07
C THR A 79 -15.69 -14.49 10.04
N ASN A 80 -14.81 -15.02 10.87
CA ASN A 80 -15.16 -16.09 11.81
C ASN A 80 -15.33 -15.63 13.25
N ASN A 81 -16.10 -14.56 13.44
CA ASN A 81 -16.51 -14.14 14.78
C ASN A 81 -18.01 -13.86 14.76
N GLN A 82 -18.64 -13.85 15.94
CA GLN A 82 -20.09 -13.74 16.01
C GLN A 82 -20.62 -12.41 15.47
N ASP A 83 -19.83 -11.35 15.60
CA ASP A 83 -20.27 -10.04 15.15
C ASP A 83 -20.45 -10.00 13.64
N PHE A 84 -19.46 -10.52 12.91
CA PHE A 84 -19.54 -10.61 11.47
C PHE A 84 -20.70 -11.51 11.04
N LYS A 85 -20.84 -12.64 11.74
CA LYS A 85 -21.86 -13.62 11.41
C LYS A 85 -23.26 -13.17 11.81
N GLY A 86 -23.38 -11.98 12.36
CA GLY A 86 -24.68 -11.42 12.73
C GLY A 86 -25.63 -12.48 13.25
N SER A 87 -26.71 -12.79 12.54
CA SER A 87 -27.16 -12.15 11.29
C SER A 87 -28.19 -13.08 10.67
N ALA A 88 -28.92 -12.58 9.68
CA ALA A 88 -29.83 -13.44 8.93
C ALA A 88 -29.01 -14.38 8.05
N GLY A 89 -29.03 -14.14 6.75
CA GLY A 89 -28.16 -14.85 5.84
C GLY A 89 -26.93 -13.99 5.59
N ALA A 90 -27.09 -13.00 4.71
CA ALA A 90 -26.01 -12.09 4.40
C ALA A 90 -25.79 -11.08 5.53
N PRO A 91 -24.52 -10.78 5.81
CA PRO A 91 -24.18 -9.81 6.87
C PRO A 91 -24.68 -8.42 6.52
N SER A 92 -25.25 -7.72 7.50
CA SER A 92 -25.58 -6.31 7.33
C SER A 92 -24.30 -5.47 7.32
N VAL A 93 -24.44 -4.20 6.96
CA VAL A 93 -23.30 -3.29 6.99
C VAL A 93 -22.71 -3.21 8.39
N GLU A 94 -23.58 -3.18 9.39
CA GLU A 94 -23.14 -3.16 10.78
C GLU A 94 -22.41 -4.46 11.16
N ASN A 95 -22.94 -5.61 10.73
CA ASN A 95 -22.25 -6.89 10.95
C ASN A 95 -20.83 -6.84 10.40
N VAL A 96 -20.70 -6.32 9.19
CA VAL A 96 -19.40 -6.23 8.56
C VAL A 96 -18.47 -5.31 9.35
N LYS A 97 -18.93 -4.12 9.67
CA LYS A 97 -18.07 -3.17 10.38
C LYS A 97 -17.70 -3.67 11.78
N ASN A 98 -18.68 -4.11 12.54
CA ASN A 98 -18.42 -4.68 13.86
C ASN A 98 -17.55 -5.93 13.77
N GLY A 99 -17.76 -6.71 12.72
CA GLY A 99 -17.00 -7.94 12.52
C GLY A 99 -15.54 -7.66 12.25
N ILE A 100 -15.28 -6.61 11.46
CA ILE A 100 -13.91 -6.19 11.19
C ILE A 100 -13.28 -5.68 12.48
N ARG A 101 -14.01 -4.87 13.24
CA ARG A 101 -13.48 -4.35 14.49
C ARG A 101 -13.09 -5.49 15.44
N THR A 102 -14.03 -6.42 15.63
CA THR A 102 -13.78 -7.58 16.49
C THR A 102 -12.61 -8.43 15.98
N GLY A 103 -12.52 -8.60 14.66
CA GLY A 103 -11.43 -9.35 14.07
C GLY A 103 -10.06 -8.76 14.38
N PHE A 104 -9.95 -7.43 14.34
CA PHE A 104 -8.70 -6.76 14.71
C PHE A 104 -8.37 -6.95 16.20
N LEU A 105 -9.37 -6.74 17.05
CA LEU A 105 -9.13 -6.84 18.49
C LEU A 105 -8.77 -8.28 18.84
N GLU A 106 -9.50 -9.21 18.24
CA GLU A 106 -9.28 -10.61 18.56
C GLU A 106 -7.96 -11.17 18.05
N ILE A 107 -7.56 -10.81 16.83
CA ILE A 107 -6.27 -11.29 16.36
C ILE A 107 -5.14 -10.66 17.18
N ASP A 108 -5.35 -9.43 17.64
CA ASP A 108 -4.32 -8.77 18.44
C ASP A 108 -4.12 -9.57 19.73
N GLU A 109 -5.20 -9.83 20.44
CA GLU A 109 -5.14 -10.60 21.69
C GLU A 109 -4.61 -12.01 21.44
N HIS A 110 -5.07 -12.62 20.36
CA HIS A 110 -4.60 -13.94 19.94
C HIS A 110 -3.06 -13.96 19.83
N MET A 111 -2.48 -13.00 19.09
CA MET A 111 -1.03 -12.95 18.96
C MET A 111 -0.37 -12.70 20.31
N ARG A 112 -0.99 -11.86 21.13
CA ARG A 112 -0.45 -11.57 22.45
C ARG A 112 -0.35 -12.85 23.30
N VAL A 113 -1.38 -13.69 23.29
CA VAL A 113 -1.32 -14.91 24.08
C VAL A 113 -0.30 -15.89 23.53
N MET A 114 -0.21 -15.99 22.20
CA MET A 114 0.75 -16.88 21.55
C MET A 114 2.15 -16.48 21.93
N SER A 115 2.41 -15.18 21.94
CA SER A 115 3.72 -14.66 22.28
C SER A 115 4.05 -14.92 23.76
N GLU A 116 3.08 -14.71 24.63
CA GLU A 116 3.31 -14.91 26.06
C GLU A 116 3.59 -16.39 26.33
N LYS A 117 2.82 -17.24 25.65
CA LYS A 117 2.88 -18.69 25.77
C LYS A 117 4.20 -19.27 25.29
N LYS A 118 4.65 -18.83 24.12
CA LYS A 118 5.88 -19.35 23.53
C LYS A 118 7.10 -18.48 23.85
N HIS A 119 6.94 -17.55 24.79
CA HIS A 119 8.01 -16.60 25.15
C HIS A 119 8.62 -15.89 23.93
N GLY A 120 7.77 -15.37 23.06
CA GLY A 120 8.20 -14.67 21.86
C GLY A 120 9.24 -13.60 22.17
N ALA A 121 10.30 -13.57 21.38
CA ALA A 121 11.36 -12.60 21.60
C ALA A 121 11.08 -11.31 20.84
N ASP A 122 10.36 -11.43 19.73
CA ASP A 122 10.16 -10.25 18.89
C ASP A 122 9.24 -9.24 19.55
N ARG A 123 9.42 -7.97 19.17
CA ARG A 123 8.58 -6.91 19.67
C ARG A 123 8.00 -6.16 18.47
N SER A 124 7.64 -6.93 17.45
CA SER A 124 7.19 -6.33 16.19
C SER A 124 5.74 -5.85 16.24
N GLY A 125 5.35 -5.08 15.22
CA GLY A 125 3.98 -4.65 15.07
C GLY A 125 3.74 -4.52 13.58
N SER A 126 2.52 -4.18 13.19
CA SER A 126 2.23 -3.96 11.78
C SER A 126 1.03 -3.06 11.58
N THR A 127 1.08 -2.28 10.51
CA THR A 127 -0.10 -1.57 10.05
C THR A 127 -0.92 -2.59 9.27
N ALA A 128 -2.14 -2.19 8.89
CA ALA A 128 -2.93 -2.96 7.95
C ALA A 128 -3.81 -1.96 7.20
N VAL A 129 -3.89 -2.12 5.89
CA VAL A 129 -4.85 -1.38 5.09
C VAL A 129 -5.42 -2.37 4.08
N GLY A 130 -6.72 -2.31 3.85
CA GLY A 130 -7.29 -3.23 2.89
C GLY A 130 -8.70 -2.88 2.49
N VAL A 131 -9.26 -3.70 1.62
CA VAL A 131 -10.65 -3.58 1.22
C VAL A 131 -11.29 -4.95 1.25
N LEU A 132 -12.50 -5.01 1.80
CA LEU A 132 -13.33 -6.21 1.72
C LEU A 132 -14.41 -5.84 0.71
N ILE A 133 -14.45 -6.57 -0.42
CA ILE A 133 -15.33 -6.21 -1.53
C ILE A 133 -16.46 -7.24 -1.63
N SER A 134 -17.70 -6.77 -1.45
CA SER A 134 -18.87 -7.61 -1.63
C SER A 134 -19.51 -7.26 -2.96
N PRO A 135 -20.57 -8.00 -3.34
CA PRO A 135 -21.23 -7.65 -4.60
C PRO A 135 -21.68 -6.19 -4.67
N GLN A 136 -22.04 -5.59 -3.55
CA GLN A 136 -22.58 -4.23 -3.61
C GLN A 136 -21.80 -3.17 -2.83
N HIS A 137 -20.78 -3.57 -2.08
CA HIS A 137 -20.01 -2.62 -1.27
C HIS A 137 -18.51 -2.85 -1.31
N THR A 138 -17.76 -1.76 -1.19
CA THR A 138 -16.34 -1.88 -0.90
C THR A 138 -16.17 -1.33 0.50
N TYR A 139 -15.68 -2.16 1.41
CA TYR A 139 -15.43 -1.71 2.77
C TYR A 139 -13.94 -1.45 2.91
N PHE A 140 -13.56 -0.19 3.04
CA PHE A 140 -12.17 0.16 3.26
C PHE A 140 -11.85 -0.03 4.73
N ILE A 141 -10.66 -0.57 4.99
CA ILE A 141 -10.22 -0.86 6.35
C ILE A 141 -8.86 -0.23 6.55
N ASN A 142 -8.68 0.53 7.63
CA ASN A 142 -7.39 1.11 7.92
C ASN A 142 -6.97 1.09 9.37
N CYS A 143 -5.75 0.64 9.60
CA CYS A 143 -5.15 0.64 10.92
C CYS A 143 -3.67 0.96 10.77
N GLY A 144 -3.32 2.24 10.93
CA GLY A 144 -1.93 2.65 10.81
C GLY A 144 -1.69 3.65 9.69
N ASP A 145 -0.46 3.70 9.17
CA ASP A 145 -0.12 4.71 8.17
C ASP A 145 0.16 4.13 6.78
N SER A 146 -0.31 2.92 6.53
CA SER A 146 -0.47 2.49 5.15
C SER A 146 -1.72 3.21 4.66
N ARG A 147 -2.03 3.13 3.37
CA ARG A 147 -3.15 3.92 2.85
C ARG A 147 -3.78 3.28 1.61
N GLY A 148 -5.08 3.49 1.44
CA GLY A 148 -5.77 2.97 0.28
C GLY A 148 -6.63 4.05 -0.32
N LEU A 149 -6.91 3.93 -1.62
CA LEU A 149 -7.82 4.88 -2.24
C LEU A 149 -8.63 4.23 -3.34
N LEU A 150 -9.76 4.86 -3.65
CA LEU A 150 -10.66 4.38 -4.67
C LEU A 150 -10.71 5.44 -5.76
N CYS A 151 -10.48 5.05 -7.00
CA CYS A 151 -10.64 5.94 -8.13
C CYS A 151 -11.99 5.64 -8.79
N ARG A 152 -12.82 6.68 -8.89
CA ARG A 152 -14.14 6.56 -9.50
C ARG A 152 -14.30 7.76 -10.43
N ASN A 153 -14.67 7.50 -11.68
CA ASN A 153 -14.87 8.58 -12.64
C ASN A 153 -13.64 9.47 -12.77
N ARG A 154 -12.47 8.83 -12.84
CA ARG A 154 -11.18 9.49 -13.03
C ARG A 154 -10.71 10.36 -11.85
N LYS A 155 -11.39 10.27 -10.72
CA LYS A 155 -11.04 11.11 -9.57
C LYS A 155 -10.79 10.27 -8.32
N VAL A 156 -10.11 10.85 -7.34
CA VAL A 156 -9.96 10.19 -6.05
C VAL A 156 -11.28 10.30 -5.27
N HIS A 157 -12.07 9.24 -5.27
CA HIS A 157 -13.39 9.25 -4.66
C HIS A 157 -13.31 9.10 -3.15
N PHE A 158 -12.33 8.34 -2.69
CA PHE A 158 -12.12 8.12 -1.26
C PHE A 158 -10.67 7.74 -1.01
N PHE A 159 -10.11 8.17 0.11
CA PHE A 159 -8.83 7.64 0.58
C PHE A 159 -8.85 7.51 2.09
N THR A 160 -8.05 6.58 2.61
CA THR A 160 -8.01 6.34 4.04
C THR A 160 -7.18 7.41 4.75
N GLN A 161 -7.58 7.77 5.96
CA GLN A 161 -6.83 8.74 6.75
C GLN A 161 -5.77 8.08 7.61
N ASP A 162 -4.51 8.45 7.40
CA ASP A 162 -3.39 7.82 8.11
C ASP A 162 -3.50 8.08 9.61
N HIS A 163 -3.27 7.04 10.40
CA HIS A 163 -3.24 7.17 11.86
C HIS A 163 -1.86 7.62 12.34
N LYS A 164 -1.73 8.91 12.62
CA LYS A 164 -0.47 9.45 13.11
C LYS A 164 -0.63 9.93 14.56
N PRO A 165 0.41 9.76 15.40
CA PRO A 165 0.28 10.12 16.82
C PRO A 165 -0.12 11.59 17.03
N SER A 166 0.31 12.48 16.15
CA SER A 166 0.00 13.91 16.30
C SER A 166 -1.43 14.28 15.92
N ASN A 167 -2.14 13.36 15.26
CA ASN A 167 -3.56 13.58 15.02
C ASN A 167 -4.28 13.76 16.36
N PRO A 168 -5.13 14.80 16.45
CA PRO A 168 -5.71 15.26 17.72
C PRO A 168 -6.30 14.15 18.61
N LEU A 169 -7.14 13.30 18.03
CA LEU A 169 -7.76 12.24 18.82
C LEU A 169 -6.76 11.15 19.21
N GLU A 170 -5.73 10.97 18.38
CA GLU A 170 -4.69 9.99 18.67
C GLU A 170 -3.85 10.53 19.82
N LYS A 171 -3.45 11.78 19.70
CA LYS A 171 -2.63 12.42 20.72
C LYS A 171 -3.36 12.33 22.06
N GLU A 172 -4.66 12.62 22.02
CA GLU A 172 -5.51 12.62 23.20
C GLU A 172 -5.53 11.27 23.91
N ARG A 173 -5.70 10.20 23.14
CA ARG A 173 -5.70 8.85 23.70
C ARG A 173 -4.33 8.53 24.31
N ILE A 174 -3.29 8.92 23.60
CA ILE A 174 -1.91 8.68 24.02
C ILE A 174 -1.59 9.38 25.34
N GLN A 175 -1.98 10.65 25.44
CA GLN A 175 -1.80 11.41 26.68
C GLN A 175 -2.60 10.81 27.83
N ASN A 176 -3.87 10.49 27.57
CA ASN A 176 -4.73 9.86 28.57
C ASN A 176 -4.21 8.50 29.03
N ALA A 177 -3.35 7.90 28.21
CA ALA A 177 -2.74 6.62 28.55
C ALA A 177 -1.39 6.80 29.22
N GLY A 178 -1.06 8.04 29.58
CA GLY A 178 0.16 8.32 30.31
C GLY A 178 1.38 8.58 29.45
N GLY A 179 1.18 8.63 28.13
CA GLY A 179 2.28 8.84 27.23
C GLY A 179 2.34 10.27 26.72
N SER A 180 3.27 10.54 25.80
CA SER A 180 3.34 11.83 25.16
C SER A 180 3.62 11.66 23.66
N VAL A 181 3.28 12.68 22.89
CA VAL A 181 3.66 12.70 21.49
C VAL A 181 4.80 13.71 21.35
N MET A 182 5.97 13.20 21.00
CA MET A 182 7.14 14.05 20.80
C MET A 182 7.41 14.19 19.31
N ILE A 183 7.15 15.38 18.79
CA ILE A 183 7.16 15.64 17.36
C ILE A 183 6.07 14.79 16.69
N GLN A 184 6.45 13.64 16.14
CA GLN A 184 5.49 12.77 15.47
C GLN A 184 5.47 11.37 16.04
N ARG A 185 6.12 11.18 17.18
CA ARG A 185 6.29 9.83 17.73
C ARG A 185 5.78 9.63 19.16
N VAL A 186 5.14 8.48 19.37
CA VAL A 186 4.70 8.07 20.69
C VAL A 186 5.93 7.92 21.57
N ASN A 187 5.97 8.70 22.64
CA ASN A 187 7.12 8.69 23.55
C ASN A 187 8.44 8.84 22.81
N GLY A 188 8.39 9.54 21.67
CA GLY A 188 9.58 9.77 20.87
C GLY A 188 10.08 8.57 20.08
N SER A 189 9.31 7.49 20.05
CA SER A 189 9.75 6.25 19.40
C SER A 189 8.91 5.83 18.19
N LEU A 190 7.62 5.57 18.41
CA LEU A 190 6.75 5.02 17.37
C LEU A 190 6.06 6.07 16.52
N ALA A 191 6.16 5.95 15.20
CA ALA A 191 5.62 6.94 14.28
C ALA A 191 4.20 6.61 13.81
N VAL A 192 3.62 5.55 14.37
CA VAL A 192 2.23 5.24 14.11
C VAL A 192 1.45 5.10 15.43
N SER A 193 0.21 5.55 15.42
CA SER A 193 -0.60 5.54 16.62
C SER A 193 -1.47 4.28 16.67
N ARG A 194 -1.57 3.59 15.55
CA ARG A 194 -2.40 2.40 15.50
C ARG A 194 -1.70 1.27 14.77
N ALA A 195 -1.81 0.07 15.31
CA ALA A 195 -1.13 -1.10 14.75
C ALA A 195 -1.53 -2.35 15.50
N LEU A 196 -1.37 -3.50 14.86
CA LEU A 196 -1.45 -4.77 15.55
C LEU A 196 -0.05 -5.01 16.12
N GLY A 197 0.05 -5.79 17.20
CA GLY A 197 1.32 -5.99 17.85
C GLY A 197 1.75 -4.81 18.72
N ASP A 198 3.05 -4.54 18.79
CA ASP A 198 3.57 -3.48 19.66
C ASP A 198 3.01 -3.61 21.07
N PHE A 199 3.04 -4.83 21.59
CA PHE A 199 2.41 -5.11 22.88
C PHE A 199 3.01 -4.38 24.07
N ASP A 200 4.28 -3.96 23.96
CA ASP A 200 4.89 -3.14 24.99
C ASP A 200 4.14 -1.82 25.15
N TYR A 201 3.45 -1.40 24.09
CA TYR A 201 2.68 -0.16 24.13
C TYR A 201 1.22 -0.41 24.50
N LYS A 202 0.90 -1.62 24.91
CA LYS A 202 -0.48 -1.95 25.24
C LYS A 202 -0.58 -2.56 26.63
N CYS A 203 0.15 -1.96 27.56
CA CYS A 203 0.27 -2.49 28.92
C CYS A 203 -0.21 -1.49 29.96
N VAL A 204 -1.00 -0.50 29.53
CA VAL A 204 -1.49 0.52 30.44
C VAL A 204 -2.66 0.00 31.28
N HIS A 205 -2.42 -0.11 32.59
CA HIS A 205 -3.45 -0.60 33.49
C HIS A 205 -4.58 0.40 33.63
N GLY A 206 -5.81 -0.10 33.70
CA GLY A 206 -6.96 0.78 33.85
C GLY A 206 -7.43 1.40 32.55
N LYS A 207 -6.92 0.88 31.44
CA LYS A 207 -7.35 1.31 30.11
C LYS A 207 -7.69 0.08 29.27
N GLY A 208 -8.79 0.15 28.53
CA GLY A 208 -9.18 -0.95 27.66
C GLY A 208 -8.26 -1.11 26.47
N PRO A 209 -8.50 -2.14 25.65
CA PRO A 209 -7.65 -2.46 24.49
C PRO A 209 -7.53 -1.31 23.49
N THR A 210 -8.58 -0.51 23.33
CA THR A 210 -8.56 0.59 22.36
C THR A 210 -8.22 1.93 22.99
N GLU A 211 -7.77 1.89 24.25
CA GLU A 211 -7.41 3.11 24.98
C GLU A 211 -5.94 3.10 25.36
N GLN A 212 -5.19 2.15 24.80
CA GLN A 212 -3.75 2.02 25.07
C GLN A 212 -2.94 3.08 24.30
N LEU A 213 -1.62 3.07 24.50
CA LEU A 213 -0.74 4.02 23.80
C LEU A 213 -0.87 3.82 22.29
N VAL A 214 -0.82 2.56 21.88
CA VAL A 214 -1.07 2.20 20.48
C VAL A 214 -2.37 1.38 20.42
N SER A 215 -3.23 1.71 19.47
CA SER A 215 -4.52 1.04 19.38
C SER A 215 -4.60 0.10 18.19
N PRO A 216 -5.21 -1.08 18.38
CA PRO A 216 -5.46 -2.03 17.29
C PRO A 216 -6.80 -1.76 16.58
N GLU A 217 -7.49 -0.69 16.94
CA GLU A 217 -8.85 -0.45 16.43
C GLU A 217 -8.78 0.09 15.01
N PRO A 218 -9.46 -0.59 14.07
CA PRO A 218 -9.44 -0.17 12.66
C PRO A 218 -10.52 0.89 12.39
N GLU A 219 -10.33 1.66 11.34
CA GLU A 219 -11.38 2.55 10.87
C GLU A 219 -11.96 1.92 9.62
N VAL A 220 -13.29 1.81 9.57
CA VAL A 220 -13.94 1.12 8.46
C VAL A 220 -14.93 2.05 7.76
N HIS A 221 -14.91 2.03 6.44
CA HIS A 221 -15.79 2.88 5.64
C HIS A 221 -16.44 2.09 4.53
N ASP A 222 -17.78 2.10 4.55
CA ASP A 222 -18.58 1.40 3.57
C ASP A 222 -18.86 2.34 2.39
N ILE A 223 -18.39 1.94 1.21
CA ILE A 223 -18.67 2.70 0.00
C ILE A 223 -19.52 1.84 -0.92
N GLU A 224 -20.74 2.29 -1.22
CA GLU A 224 -21.60 1.55 -2.14
C GLU A 224 -20.92 1.51 -3.51
N ARG A 225 -20.89 0.33 -4.10
CA ARG A 225 -20.23 0.15 -5.39
C ARG A 225 -21.03 0.82 -6.51
N SER A 226 -20.31 1.23 -7.54
CA SER A 226 -20.91 1.79 -8.73
C SER A 226 -20.34 1.04 -9.94
N GLU A 227 -21.13 0.14 -10.50
CA GLU A 227 -20.64 -0.66 -11.63
C GLU A 227 -20.18 0.23 -12.78
N GLU A 228 -20.90 1.34 -13.01
CA GLU A 228 -20.56 2.24 -14.11
C GLU A 228 -19.29 3.08 -13.89
N ASP A 229 -19.09 3.52 -12.66
CA ASP A 229 -18.10 4.55 -12.39
C ASP A 229 -16.85 4.08 -11.63
N ASP A 230 -16.95 2.97 -10.89
CA ASP A 230 -15.78 2.44 -10.16
C ASP A 230 -14.66 2.03 -11.11
N GLN A 231 -13.46 2.57 -10.91
CA GLN A 231 -12.37 2.24 -11.82
C GLN A 231 -11.30 1.33 -11.22
N PHE A 232 -10.65 1.79 -10.16
CA PHE A 232 -9.69 0.92 -9.49
C PHE A 232 -9.42 1.36 -8.07
N ILE A 233 -8.84 0.45 -7.31
CA ILE A 233 -8.45 0.70 -5.92
C ILE A 233 -6.94 0.52 -5.85
N ILE A 234 -6.26 1.41 -5.10
CA ILE A 234 -4.84 1.22 -4.80
C ILE A 234 -4.64 1.04 -3.30
N LEU A 235 -3.94 -0.02 -2.92
CA LEU A 235 -3.49 -0.22 -1.53
C LEU A 235 -1.97 -0.21 -1.53
N ALA A 236 -1.36 0.55 -0.63
CA ALA A 236 0.10 0.58 -0.57
C ALA A 236 0.61 1.00 0.80
N CYS A 237 1.83 0.61 1.13
CA CYS A 237 2.46 1.06 2.37
C CYS A 237 3.03 2.47 2.19
N ASP A 238 3.44 3.08 3.29
CA ASP A 238 4.01 4.43 3.24
C ASP A 238 5.29 4.55 2.38
N GLY A 239 5.89 3.42 2.00
CA GLY A 239 7.04 3.45 1.11
C GLY A 239 6.66 4.07 -0.23
N ILE A 240 5.38 3.94 -0.56
CA ILE A 240 4.83 4.52 -1.76
C ILE A 240 4.33 5.93 -1.46
N TRP A 241 3.45 6.04 -0.47
CA TRP A 241 2.81 7.31 -0.18
C TRP A 241 3.75 8.41 0.31
N ASP A 242 4.86 8.03 0.94
CA ASP A 242 5.87 9.02 1.35
C ASP A 242 6.33 9.92 0.20
N VAL A 243 6.25 9.43 -1.03
CA VAL A 243 6.84 10.15 -2.15
C VAL A 243 5.87 10.48 -3.30
N MET A 244 4.65 9.96 -3.22
CA MET A 244 3.61 10.29 -4.19
C MET A 244 2.29 10.56 -3.46
N GLY A 245 1.65 11.67 -3.81
CA GLY A 245 0.37 12.03 -3.22
C GLY A 245 -0.79 11.26 -3.86
N ASN A 246 -1.98 11.39 -3.28
CA ASN A 246 -3.13 10.63 -3.75
C ASN A 246 -3.46 10.91 -5.21
N GLU A 247 -3.57 12.18 -5.55
CA GLU A 247 -3.96 12.54 -6.91
C GLU A 247 -2.85 12.21 -7.92
N GLU A 248 -1.60 12.45 -7.55
CA GLU A 248 -0.44 12.09 -8.40
C GLU A 248 -0.47 10.61 -8.77
N LEU A 249 -0.62 9.76 -7.76
CA LEU A 249 -0.52 8.32 -7.99
C LEU A 249 -1.73 7.85 -8.77
N CYS A 250 -2.90 8.39 -8.44
CA CYS A 250 -4.12 8.07 -9.19
C CYS A 250 -3.94 8.45 -10.68
N ASP A 251 -3.54 9.69 -10.93
CA ASP A 251 -3.24 10.13 -12.29
C ASP A 251 -2.18 9.25 -12.97
N PHE A 252 -1.11 8.95 -12.26
CA PHE A 252 -0.06 8.08 -12.77
C PHE A 252 -0.55 6.70 -13.19
N VAL A 253 -1.21 6.02 -12.27
CA VAL A 253 -1.78 4.75 -12.55
C VAL A 253 -2.73 4.79 -13.75
N ARG A 254 -3.60 5.75 -13.83
CA ARG A 254 -4.42 5.85 -15.00
C ARG A 254 -3.58 5.99 -16.26
N SER A 255 -2.56 6.80 -16.23
CA SER A 255 -1.64 6.88 -17.33
C SER A 255 -1.03 5.56 -17.75
N ARG A 256 -0.70 4.72 -16.81
CA ARG A 256 -0.06 3.44 -17.10
C ARG A 256 -1.08 2.43 -17.62
N LEU A 257 -2.31 2.50 -17.10
CA LEU A 257 -3.37 1.59 -17.54
C LEU A 257 -3.79 1.89 -18.99
N GLU A 258 -3.62 3.14 -19.41
CA GLU A 258 -3.91 3.49 -20.79
C GLU A 258 -2.87 2.91 -21.76
N VAL A 259 -1.79 2.39 -21.19
CA VAL A 259 -0.69 1.88 -21.99
C VAL A 259 -0.56 0.36 -21.91
N THR A 260 -0.91 -0.18 -20.91
CA THR A 260 -0.84 -1.62 -20.70
C THR A 260 -1.96 -2.11 -19.80
N ASP A 261 -2.44 -3.41 -19.91
CA ASP A 261 -3.40 -4.03 -19.03
C ASP A 261 -2.74 -5.07 -18.14
N ASP A 262 -1.41 -5.12 -18.19
CA ASP A 262 -0.63 -6.01 -17.36
C ASP A 262 -0.50 -5.37 -15.98
N LEU A 263 -1.30 -5.81 -15.03
CA LEU A 263 -1.38 -5.12 -13.73
C LEU A 263 -0.11 -5.30 -12.90
N GLU A 264 0.59 -6.41 -13.08
CA GLU A 264 1.86 -6.60 -12.39
C GLU A 264 2.87 -5.57 -12.87
N LYS A 265 2.87 -5.35 -14.18
CA LYS A 265 3.76 -4.35 -14.74
C LYS A 265 3.45 -2.95 -14.20
N VAL A 266 2.17 -2.62 -14.13
CA VAL A 266 1.78 -1.30 -13.62
C VAL A 266 2.27 -1.13 -12.18
N CYS A 267 2.07 -2.15 -11.35
CA CYS A 267 2.57 -2.12 -9.98
C CYS A 267 4.09 -1.98 -9.90
N ASN A 268 4.81 -2.69 -10.77
CA ASN A 268 6.27 -2.56 -10.83
C ASN A 268 6.67 -1.16 -11.22
N GLU A 269 5.93 -0.56 -12.14
CA GLU A 269 6.20 0.81 -12.56
C GLU A 269 6.01 1.78 -11.39
N VAL A 270 4.97 1.56 -10.58
CA VAL A 270 4.75 2.41 -9.41
C VAL A 270 5.91 2.26 -8.42
N VAL A 271 6.27 1.02 -8.13
CA VAL A 271 7.33 0.76 -7.15
C VAL A 271 8.68 1.36 -7.59
N ASP A 272 9.08 1.13 -8.84
CA ASP A 272 10.33 1.70 -9.35
C ASP A 272 10.27 3.22 -9.37
N THR A 273 9.14 3.77 -9.78
CA THR A 273 9.01 5.22 -9.79
C THR A 273 9.24 5.80 -8.40
N CYS A 274 8.63 5.17 -7.38
CA CYS A 274 8.79 5.65 -6.01
C CYS A 274 10.23 5.49 -5.48
N LEU A 275 10.89 4.41 -5.87
CA LEU A 275 12.30 4.24 -5.56
C LEU A 275 13.11 5.40 -6.16
N TYR A 276 12.85 5.70 -7.43
CA TYR A 276 13.58 6.75 -8.14
C TYR A 276 13.25 8.16 -7.65
N LYS A 277 12.09 8.32 -7.01
CA LYS A 277 11.74 9.58 -6.38
C LYS A 277 12.38 9.70 -4.99
N GLY A 278 13.07 8.66 -4.56
CA GLY A 278 13.82 8.74 -3.32
C GLY A 278 13.34 7.88 -2.17
N SER A 279 12.34 7.04 -2.39
CA SER A 279 11.87 6.22 -1.28
C SER A 279 12.88 5.14 -0.90
N ARG A 280 13.26 5.10 0.38
CA ARG A 280 14.26 4.16 0.83
C ARG A 280 13.67 3.09 1.75
N ASP A 281 12.35 2.92 1.66
CA ASP A 281 11.64 1.95 2.47
C ASP A 281 11.26 0.73 1.64
N ASN A 282 10.82 -0.33 2.32
CA ASN A 282 10.14 -1.45 1.66
C ASN A 282 8.92 -0.88 0.94
N MET A 283 8.56 -1.46 -0.21
CA MET A 283 7.38 -0.99 -0.95
C MET A 283 6.49 -2.15 -1.36
N SER A 284 5.19 -2.00 -1.12
CA SER A 284 4.18 -2.98 -1.54
C SER A 284 2.98 -2.21 -2.06
N VAL A 285 2.44 -2.65 -3.19
CA VAL A 285 1.27 -2.02 -3.80
C VAL A 285 0.37 -3.12 -4.36
N ILE A 286 -0.93 -2.97 -4.17
CA ILE A 286 -1.90 -3.83 -4.83
C ILE A 286 -2.82 -2.95 -5.66
N LEU A 287 -3.02 -3.32 -6.93
CA LEU A 287 -3.90 -2.58 -7.81
C LEU A 287 -5.05 -3.49 -8.18
N ILE A 288 -6.28 -3.06 -7.85
CA ILE A 288 -7.46 -3.87 -8.11
C ILE A 288 -8.34 -3.11 -9.09
N CYS A 289 -8.53 -3.67 -10.28
CA CYS A 289 -9.30 -2.98 -11.31
C CYS A 289 -10.71 -3.52 -11.41
N PHE A 290 -11.67 -2.61 -11.56
CA PHE A 290 -13.07 -2.98 -11.82
C PHE A 290 -13.28 -3.01 -13.33
N PRO A 291 -14.45 -3.50 -13.78
CA PRO A 291 -14.73 -3.61 -15.22
C PRO A 291 -14.54 -2.31 -16.00
N ASN A 292 -14.82 -1.16 -15.38
CA ASN A 292 -14.70 0.10 -16.10
C ASN A 292 -13.43 0.90 -15.78
N ALA A 293 -12.40 0.18 -15.35
CA ALA A 293 -11.06 0.72 -15.25
C ALA A 293 -10.66 1.26 -16.61
N PRO A 294 -9.74 2.24 -16.66
CA PRO A 294 -9.34 2.73 -17.98
C PRO A 294 -8.78 1.61 -18.86
N LYS A 295 -9.04 1.74 -20.16
CA LYS A 295 -8.64 0.73 -21.12
C LYS A 295 -7.38 1.15 -21.88
N VAL A 296 -6.67 0.18 -22.43
CA VAL A 296 -5.51 0.49 -23.22
C VAL A 296 -5.93 1.34 -24.43
N SER A 297 -5.21 2.43 -24.67
CA SER A 297 -5.51 3.35 -25.78
C SER A 297 -4.41 3.31 -26.85
N PRO A 298 -4.80 3.09 -28.11
CA PRO A 298 -3.81 3.09 -29.19
C PRO A 298 -2.99 4.39 -29.21
N GLU A 299 -3.64 5.52 -29.01
CA GLU A 299 -2.93 6.80 -29.05
C GLU A 299 -1.97 6.93 -27.85
N ALA A 300 -2.42 6.48 -26.68
CA ALA A 300 -1.54 6.49 -25.51
C ALA A 300 -0.31 5.60 -25.73
N VAL A 301 -0.51 4.45 -26.34
CA VAL A 301 0.61 3.54 -26.59
C VAL A 301 1.60 4.21 -27.55
N LYS A 302 1.09 4.87 -28.58
CA LYS A 302 1.93 5.59 -29.53
C LYS A 302 2.71 6.71 -28.86
N LYS A 303 2.02 7.51 -28.08
CA LYS A 303 2.67 8.62 -27.39
C LYS A 303 3.83 8.14 -26.53
N GLU A 304 3.64 7.01 -25.90
CA GLU A 304 4.66 6.45 -25.08
C GLU A 304 5.84 5.96 -25.90
N ALA A 305 5.55 5.31 -27.02
CA ALA A 305 6.65 4.89 -27.89
C ALA A 305 7.43 6.10 -28.41
N GLU A 306 6.71 7.17 -28.75
CA GLU A 306 7.35 8.40 -29.19
C GLU A 306 8.21 9.00 -28.10
N LEU A 307 7.69 9.02 -26.87
CA LEU A 307 8.44 9.58 -25.74
C LEU A 307 9.70 8.76 -25.49
N ASP A 308 9.58 7.44 -25.56
CA ASP A 308 10.73 6.58 -25.30
C ASP A 308 11.84 6.80 -26.34
N LYS A 309 11.44 6.94 -27.60
CA LYS A 309 12.39 7.17 -28.68
C LYS A 309 13.04 8.54 -28.51
N TYR A 310 12.22 9.53 -28.16
CA TYR A 310 12.73 10.87 -27.88
C TYR A 310 13.78 10.83 -26.77
N LEU A 311 13.47 10.11 -25.69
CA LEU A 311 14.39 10.02 -24.56
C LEU A 311 15.69 9.33 -25.00
N GLU A 312 15.55 8.28 -25.79
CA GLU A 312 16.72 7.54 -26.28
C GLU A 312 17.65 8.45 -27.11
N CYS A 313 17.06 9.28 -27.97
CA CYS A 313 17.86 10.21 -28.75
C CYS A 313 18.53 11.26 -27.88
N ARG A 314 17.81 11.78 -26.89
CA ARG A 314 18.40 12.76 -25.99
C ARG A 314 19.62 12.16 -25.31
N VAL A 315 19.48 10.95 -24.79
CA VAL A 315 20.59 10.27 -24.11
C VAL A 315 21.80 10.11 -25.04
N GLU A 316 21.55 9.67 -26.26
CA GLU A 316 22.61 9.54 -27.26
C GLU A 316 23.40 10.82 -27.41
N GLU A 317 22.68 11.93 -27.55
CA GLU A 317 23.27 13.24 -27.77
C GLU A 317 23.98 13.75 -26.53
N ILE A 318 23.34 13.61 -25.37
CA ILE A 318 23.92 14.08 -24.12
C ILE A 318 25.22 13.35 -23.83
N ILE A 319 25.22 12.05 -24.10
CA ILE A 319 26.39 11.20 -23.88
C ILE A 319 27.52 11.59 -24.83
N LYS A 320 27.23 12.50 -25.76
CA LYS A 320 28.19 13.05 -26.71
C LYS A 320 28.41 12.10 -27.89
N GLY A 325 33.54 13.50 -22.04
CA GLY A 325 34.06 12.79 -20.88
C GLY A 325 33.11 11.72 -20.36
N VAL A 326 32.01 11.53 -21.08
CA VAL A 326 31.01 10.53 -20.70
C VAL A 326 30.43 10.75 -19.29
N PRO A 327 29.32 11.49 -19.22
CA PRO A 327 28.64 11.76 -17.95
C PRO A 327 28.10 10.48 -17.33
N ASP A 328 28.04 10.39 -16.01
CA ASP A 328 27.42 9.24 -15.38
C ASP A 328 25.90 9.36 -15.47
N LEU A 329 25.18 8.29 -15.13
CA LEU A 329 23.73 8.28 -15.28
C LEU A 329 23.08 9.40 -14.46
N VAL A 330 23.57 9.59 -13.24
CA VAL A 330 23.09 10.68 -12.39
C VAL A 330 23.14 12.01 -13.14
N HIS A 331 24.24 12.27 -13.84
CA HIS A 331 24.39 13.53 -14.55
C HIS A 331 23.52 13.61 -15.80
N VAL A 332 23.28 12.47 -16.44
CA VAL A 332 22.40 12.44 -17.60
C VAL A 332 20.98 12.77 -17.18
N MET A 333 20.54 12.17 -16.08
CA MET A 333 19.22 12.45 -15.51
C MET A 333 19.07 13.93 -15.18
N ARG A 334 20.13 14.50 -14.61
CA ARG A 334 20.16 15.90 -14.21
C ARG A 334 19.96 16.82 -15.43
N THR A 335 20.66 16.50 -16.51
CA THR A 335 20.54 17.23 -17.76
C THR A 335 19.13 17.11 -18.33
N LEU A 336 18.64 15.87 -18.41
CA LEU A 336 17.29 15.62 -18.88
C LEU A 336 16.26 16.45 -18.11
N ALA A 337 16.45 16.53 -16.80
CA ALA A 337 15.51 17.25 -15.95
C ALA A 337 15.54 18.75 -16.27
N SER A 338 16.73 19.27 -16.56
CA SER A 338 16.86 20.69 -16.83
C SER A 338 16.26 21.06 -18.19
N GLU A 339 15.99 20.05 -19.01
CA GLU A 339 15.41 20.30 -20.33
C GLU A 339 13.90 20.49 -20.29
N ASN A 340 13.30 20.24 -19.12
CA ASN A 340 11.85 20.37 -18.96
C ASN A 340 11.08 19.72 -20.12
N ILE A 341 11.35 18.43 -20.32
CA ILE A 341 10.74 17.63 -21.37
C ILE A 341 9.22 17.52 -21.16
N PRO A 342 8.44 17.82 -22.21
CA PRO A 342 6.98 17.80 -22.09
C PRO A 342 6.45 16.38 -22.18
N SER A 343 5.19 16.20 -21.77
CA SER A 343 4.48 14.93 -21.98
C SER A 343 5.03 13.75 -21.17
N LEU A 344 5.67 14.03 -20.05
CA LEU A 344 6.08 12.96 -19.16
C LEU A 344 4.84 12.46 -18.41
N PRO A 345 4.88 11.23 -17.90
CA PRO A 345 3.67 10.74 -17.24
C PRO A 345 3.23 11.64 -16.07
N PRO A 346 1.92 11.87 -15.94
CA PRO A 346 1.42 12.68 -14.82
C PRO A 346 1.78 11.99 -13.51
N GLY A 347 2.21 12.78 -12.52
CA GLY A 347 2.58 12.21 -11.23
C GLY A 347 3.94 11.52 -11.25
N GLY A 348 4.12 10.57 -12.16
CA GLY A 348 5.38 9.83 -12.28
C GLY A 348 6.57 10.69 -12.70
N GLU A 349 6.30 11.64 -13.59
CA GLU A 349 7.32 12.57 -14.07
C GLU A 349 8.60 11.88 -14.62
N LEU A 350 9.76 12.52 -14.51
CA LEU A 350 10.99 11.95 -15.08
C LEU A 350 11.37 10.65 -14.40
N ALA A 351 11.15 10.58 -13.09
CA ALA A 351 11.46 9.37 -12.33
C ALA A 351 10.80 8.14 -12.92
N SER A 352 9.58 8.31 -13.44
CA SER A 352 8.85 7.19 -14.03
C SER A 352 9.40 6.75 -15.38
N LYS A 353 10.34 7.53 -15.92
CA LYS A 353 10.95 7.19 -17.20
C LYS A 353 12.41 6.76 -17.04
N ARG A 354 12.86 6.67 -15.80
CA ARG A 354 14.25 6.33 -15.50
C ARG A 354 14.65 4.94 -16.00
N ASN A 355 13.76 3.96 -15.91
CA ASN A 355 14.08 2.63 -16.45
C ASN A 355 14.39 2.68 -17.95
N VAL A 356 13.63 3.48 -18.70
CA VAL A 356 13.85 3.64 -20.14
C VAL A 356 15.19 4.33 -20.41
N ILE A 357 15.44 5.40 -19.66
CA ILE A 357 16.67 6.18 -19.79
C ILE A 357 17.91 5.35 -19.45
N GLU A 358 17.83 4.63 -18.34
CA GLU A 358 18.91 3.77 -17.89
C GLU A 358 19.18 2.61 -18.87
N ALA A 359 18.13 2.05 -19.44
CA ALA A 359 18.31 1.00 -20.44
C ALA A 359 19.13 1.49 -21.65
N VAL A 360 18.81 2.68 -22.17
CA VAL A 360 19.60 3.24 -23.28
C VAL A 360 21.01 3.57 -22.83
N TYR A 361 21.11 4.23 -21.69
CA TYR A 361 22.41 4.59 -21.14
C TYR A 361 23.29 3.36 -21.03
N ASN A 362 22.71 2.26 -20.56
CA ASN A 362 23.43 1.00 -20.41
C ASN A 362 23.94 0.43 -21.71
N ARG A 363 23.13 0.55 -22.77
CA ARG A 363 23.54 0.08 -24.09
C ARG A 363 24.74 0.88 -24.61
N LEU A 364 24.77 2.18 -24.33
CA LEU A 364 25.82 3.08 -24.82
C LEU A 364 27.06 3.12 -23.93
N ASN A 365 26.90 2.78 -22.66
CA ASN A 365 28.02 2.82 -21.73
C ASN A 365 27.98 1.61 -20.83
N PRO A 366 28.07 0.42 -21.43
CA PRO A 366 27.92 -0.84 -20.70
C PRO A 366 28.95 -1.09 -19.61
N TYR A 367 30.10 -0.41 -19.65
CA TYR A 367 31.14 -0.66 -18.65
C TYR A 367 31.11 0.36 -17.51
MN MN B . 7.05 1.46 5.70
MN MN C . 8.03 -1.60 7.79
P PO4 D . 10.21 2.03 9.56
O1 PO4 D . 9.75 2.60 8.24
O2 PO4 D . 11.11 3.03 10.24
O3 PO4 D . 10.95 0.75 9.26
O4 PO4 D . 9.05 1.69 10.48
#